data_8WTX
#
_entry.id   8WTX
#
_cell.length_a   1.00
_cell.length_b   1.00
_cell.length_c   1.00
_cell.angle_alpha   90.00
_cell.angle_beta   90.00
_cell.angle_gamma   90.00
#
_symmetry.space_group_name_H-M   'P 1'
#
loop_
_entity.id
_entity.type
_entity.pdbx_description
1 polymer 'Sodium-dependent noradrenaline transporter'
2 non-polymer (2~{R})-2-(~{tert}-butylamino)-1-(3-chlorophenyl)propan-1-one
#
_entity_poly.entity_id   1
_entity_poly.type   'polypeptide(L)'
_entity_poly.pdbx_seq_one_letter_code
;DAQPRETWGKKIDFLLSVVGFAVDLANVWRFPYLCYKNGGGAFLIPYTLFLIIAGMPLFYMELALGQYNREGAATVWKIC
PFFKGVGYAVILIALYVGFYYNVIIAWSLYYLFSSFTLNLPWTDCGHTWNSPNCTDPKLLNGSVLGNHTKYSKYKFTPAA
EFYERGVLHLHESSGIHDIGLPQWQLLLCLMVVVIVLYFSLWKGVKTSGKVVWITATLPYFVLFVLLVHGVTLPGASNGI
NAYLHIDFYRLKEATVWIDAATQIFFSLGAGFGVLIAFASYNKFDNNCYRDALLTSSINCITSFVSGFAIFSILGYMAHE
HKVNIEDVATEGAGLVFILYPEAISTLSGSTFWAVVFFVMLLALGLDSSMGGMEAVITGLADDFQVLKRHRKLFTFGVTF
STFLLALFCITKGGIYVLTLLDTFAAGTSILFAVLMEAIGVSWFYGVDRFSNDIQQMMGFRPGLYWRLCWKFVSPAFLLF
VVVVSIINFKPLTYDDYIFPPWANWVGWGIALSSMVLVPIYVIYKFLSTQGSLWERLAYGITPENEHHLVAQRDIRQFQL
QHWLAI
;
_entity_poly.pdbx_strand_id   A
#
# COMPACT_ATOMS: atom_id res chain seq x y z
N SER A 17 4.13 8.28 -21.02
CA SER A 17 3.05 7.71 -21.81
C SER A 17 1.91 7.24 -20.91
N VAL A 18 1.45 6.01 -21.13
CA VAL A 18 0.39 5.41 -20.32
C VAL A 18 0.94 4.68 -19.11
N VAL A 19 2.26 4.68 -18.91
CA VAL A 19 2.87 4.02 -17.77
C VAL A 19 3.06 5.00 -16.61
N GLY A 20 2.66 6.25 -16.78
CA GLY A 20 2.74 7.24 -15.71
C GLY A 20 1.43 7.42 -15.00
N PHE A 21 0.36 6.84 -15.56
CA PHE A 21 -0.98 6.89 -14.95
C PHE A 21 -1.08 5.77 -13.92
N ALA A 22 -0.40 5.98 -12.79
CA ALA A 22 -0.30 4.99 -11.73
C ALA A 22 -1.52 5.12 -10.82
N VAL A 23 -2.61 4.44 -11.18
CA VAL A 23 -3.78 4.30 -10.33
C VAL A 23 -3.76 2.90 -9.73
N ASP A 24 -3.78 2.83 -8.41
CA ASP A 24 -3.58 1.59 -7.69
C ASP A 24 -4.87 1.17 -7.00
N LEU A 25 -4.87 -0.08 -6.52
CA LEU A 25 -5.98 -0.59 -5.73
C LEU A 25 -6.10 0.07 -4.38
N ALA A 26 -5.01 0.61 -3.84
CA ALA A 26 -5.01 1.31 -2.57
C ALA A 26 -5.68 2.68 -2.66
N ASN A 27 -5.97 3.13 -3.88
CA ASN A 27 -6.71 4.37 -4.09
C ASN A 27 -8.20 4.15 -4.27
N VAL A 28 -8.65 2.94 -4.59
CA VAL A 28 -10.05 2.67 -4.86
C VAL A 28 -10.65 1.85 -3.72
N TRP A 29 -9.81 1.11 -3.01
CA TRP A 29 -10.27 0.23 -1.93
C TRP A 29 -9.91 0.71 -0.54
N ARG A 30 -8.70 1.23 -0.35
CA ARG A 30 -8.23 1.57 1.00
C ARG A 30 -8.51 3.02 1.38
N PHE A 31 -8.37 3.96 0.45
CA PHE A 31 -8.63 5.36 0.78
C PHE A 31 -10.07 5.61 1.21
N PRO A 32 -11.10 5.05 0.55
CA PRO A 32 -12.48 5.34 0.99
C PRO A 32 -12.76 5.01 2.44
N TYR A 33 -12.24 3.89 2.96
CA TYR A 33 -12.58 3.52 4.33
C TYR A 33 -11.68 4.17 5.37
N LEU A 34 -10.52 4.68 4.97
CA LEU A 34 -9.72 5.53 5.85
C LEU A 34 -10.28 6.95 5.92
N CYS A 35 -10.83 7.46 4.82
CA CYS A 35 -11.44 8.79 4.83
C CYS A 35 -12.74 8.80 5.62
N TYR A 36 -13.57 7.76 5.49
CA TYR A 36 -14.82 7.69 6.23
C TYR A 36 -14.59 7.45 7.72
N LYS A 37 -13.57 6.69 8.07
CA LYS A 37 -13.29 6.41 9.48
C LYS A 37 -12.82 7.66 10.22
N ASN A 38 -12.09 8.55 9.54
CA ASN A 38 -11.48 9.71 10.17
C ASN A 38 -12.28 10.99 9.95
N GLY A 39 -13.61 10.89 9.91
CA GLY A 39 -14.45 12.07 9.84
C GLY A 39 -14.85 12.51 8.44
N GLY A 40 -13.90 12.61 7.53
CA GLY A 40 -14.19 13.15 6.22
C GLY A 40 -13.18 14.17 5.74
N GLY A 41 -13.61 15.41 5.57
CA GLY A 41 -12.74 16.46 5.10
C GLY A 41 -11.65 16.87 6.08
N ALA A 42 -11.71 16.33 7.30
CA ALA A 42 -10.66 16.57 8.29
C ALA A 42 -9.51 15.60 8.08
N PHE A 43 -9.62 14.77 7.04
CA PHE A 43 -8.58 13.82 6.67
C PHE A 43 -7.75 14.27 5.48
N LEU A 44 -8.24 15.22 4.68
CA LEU A 44 -7.52 15.66 3.49
C LEU A 44 -6.42 16.67 3.79
N ILE A 45 -6.43 17.29 4.96
CA ILE A 45 -5.40 18.26 5.31
C ILE A 45 -4.11 17.53 5.69
N PRO A 46 -4.12 16.59 6.65
CA PRO A 46 -2.89 15.83 6.92
C PRO A 46 -2.43 14.99 5.75
N TYR A 47 -3.30 14.67 4.80
CA TYR A 47 -2.95 13.92 3.60
C TYR A 47 -2.23 14.80 2.58
N THR A 48 -2.82 15.93 2.21
CA THR A 48 -2.19 16.84 1.26
C THR A 48 -0.90 17.44 1.81
N LEU A 49 -0.92 17.81 3.10
CA LEU A 49 0.29 18.37 3.70
C LEU A 49 1.43 17.36 3.69
N PHE A 50 1.14 16.12 4.07
CA PHE A 50 2.16 15.08 4.06
C PHE A 50 2.64 14.78 2.65
N LEU A 51 1.71 14.79 1.69
CA LEU A 51 2.08 14.63 0.29
C LEU A 51 3.13 15.66 -0.08
N ILE A 52 2.78 16.94 0.03
CA ILE A 52 3.68 18.03 -0.36
C ILE A 52 5.01 17.93 0.38
N ILE A 53 4.97 17.64 1.69
CA ILE A 53 6.17 17.68 2.51
C ILE A 53 7.11 16.52 2.22
N ALA A 54 6.59 15.30 2.08
CA ALA A 54 7.48 14.15 2.06
C ALA A 54 7.22 13.12 0.97
N GLY A 55 6.13 13.18 0.21
CA GLY A 55 5.88 12.17 -0.79
C GLY A 55 6.62 12.43 -2.08
N MET A 56 6.51 13.66 -2.60
CA MET A 56 7.24 14.02 -3.80
C MET A 56 8.76 13.98 -3.62
N PRO A 57 9.35 14.57 -2.57
CA PRO A 57 10.82 14.44 -2.42
C PRO A 57 11.31 13.01 -2.35
N LEU A 58 10.60 12.14 -1.63
CA LEU A 58 11.07 10.77 -1.49
C LEU A 58 10.83 9.96 -2.75
N PHE A 59 9.73 10.23 -3.47
CA PHE A 59 9.51 9.61 -4.76
C PHE A 59 10.62 9.99 -5.74
N TYR A 60 10.99 11.27 -5.75
CA TYR A 60 12.09 11.75 -6.58
C TYR A 60 13.39 11.05 -6.21
N MET A 61 13.67 10.95 -4.91
CA MET A 61 14.91 10.32 -4.46
C MET A 61 14.97 8.85 -4.85
N GLU A 62 13.86 8.13 -4.68
CA GLU A 62 13.84 6.72 -5.04
C GLU A 62 14.01 6.52 -6.55
N LEU A 63 13.33 7.35 -7.34
CA LEU A 63 13.47 7.24 -8.80
C LEU A 63 14.91 7.52 -9.22
N ALA A 64 15.52 8.57 -8.66
CA ALA A 64 16.91 8.88 -9.00
C ALA A 64 17.87 7.77 -8.59
N LEU A 65 17.70 7.21 -7.39
CA LEU A 65 18.56 6.12 -6.95
C LEU A 65 18.43 4.91 -7.87
N GLY A 66 17.20 4.49 -8.17
CA GLY A 66 17.01 3.34 -9.04
C GLY A 66 17.56 3.57 -10.43
N GLN A 67 17.36 4.77 -10.97
CA GLN A 67 17.84 5.06 -12.32
C GLN A 67 19.36 5.08 -12.37
N TYR A 68 20.00 5.77 -11.43
CA TYR A 68 21.45 5.92 -11.50
C TYR A 68 22.18 4.62 -11.19
N ASN A 69 21.77 3.92 -10.11
CA ASN A 69 22.50 2.73 -9.70
C ASN A 69 22.24 1.53 -10.59
N ARG A 70 21.12 1.51 -11.32
CA ARG A 70 20.81 0.43 -12.26
C ARG A 70 20.82 -0.94 -11.59
N GLU A 71 20.24 -1.03 -10.40
CA GLU A 71 20.21 -2.27 -9.65
C GLU A 71 18.93 -2.31 -8.82
N GLY A 72 18.71 -3.41 -8.11
CA GLY A 72 17.48 -3.63 -7.39
C GLY A 72 17.35 -2.85 -6.10
N ALA A 73 16.74 -3.48 -5.08
CA ALA A 73 16.47 -2.81 -3.82
C ALA A 73 17.40 -3.18 -2.69
N ALA A 74 17.93 -4.40 -2.67
CA ALA A 74 18.82 -4.82 -1.60
C ALA A 74 20.30 -4.63 -1.95
N THR A 75 20.67 -4.76 -3.22
CA THR A 75 22.04 -4.57 -3.67
C THR A 75 22.28 -3.17 -4.20
N VAL A 76 21.32 -2.26 -4.00
CA VAL A 76 21.49 -0.86 -4.32
C VAL A 76 22.36 -0.13 -3.31
N TRP A 77 22.63 -0.73 -2.16
CA TRP A 77 23.47 -0.12 -1.13
C TRP A 77 24.93 -0.50 -1.33
N LYS A 78 25.40 -0.32 -2.57
CA LYS A 78 26.82 -0.35 -2.87
C LYS A 78 27.44 1.03 -2.76
N ILE A 79 26.63 2.06 -2.56
CA ILE A 79 27.12 3.40 -2.30
C ILE A 79 27.37 3.63 -0.81
N CYS A 80 26.78 2.82 0.06
CA CYS A 80 26.97 2.94 1.50
C CYS A 80 26.65 1.62 2.18
N PRO A 81 27.66 0.79 2.46
CA PRO A 81 27.41 -0.42 3.29
C PRO A 81 26.97 -0.04 4.69
N PHE A 82 26.74 -1.04 5.55
CA PHE A 82 26.11 -0.87 6.86
C PHE A 82 24.65 -0.46 6.74
N PHE A 83 24.10 -0.53 5.52
CA PHE A 83 22.72 -0.08 5.31
C PHE A 83 21.92 -1.04 4.42
N LYS A 84 22.38 -2.28 4.24
CA LYS A 84 21.66 -3.22 3.39
C LYS A 84 20.42 -3.81 4.06
N GLY A 85 20.25 -3.62 5.37
CA GLY A 85 19.04 -4.05 6.02
C GLY A 85 17.80 -3.30 5.60
N VAL A 86 17.96 -2.07 5.10
CA VAL A 86 16.83 -1.31 4.59
C VAL A 86 16.19 -1.96 3.37
N GLY A 87 16.94 -2.76 2.60
CA GLY A 87 16.38 -3.47 1.48
C GLY A 87 15.71 -4.77 1.91
N TYR A 88 16.32 -5.48 2.84
CA TYR A 88 15.74 -6.70 3.37
C TYR A 88 14.47 -6.44 4.16
N ALA A 89 14.32 -5.25 4.75
CA ALA A 89 13.07 -4.90 5.41
C ALA A 89 11.93 -4.66 4.43
N VAL A 90 12.18 -3.91 3.36
CA VAL A 90 11.14 -3.65 2.36
C VAL A 90 10.85 -4.86 1.50
N ILE A 91 11.77 -5.82 1.41
CA ILE A 91 11.45 -7.09 0.77
C ILE A 91 10.46 -7.92 1.58
N LEU A 92 10.58 -7.92 2.91
CA LEU A 92 9.69 -8.65 3.80
C LEU A 92 8.33 -7.96 3.94
N ILE A 93 8.32 -6.62 3.99
CA ILE A 93 7.06 -5.90 4.02
C ILE A 93 6.23 -6.20 2.79
N ALA A 94 6.88 -6.31 1.63
CA ALA A 94 6.19 -6.64 0.39
C ALA A 94 5.56 -8.03 0.47
N LEU A 95 6.28 -8.98 1.06
CA LEU A 95 5.73 -10.33 1.23
C LEU A 95 4.49 -10.32 2.12
N TYR A 96 4.56 -9.77 3.28
CA TYR A 96 3.45 -9.66 4.16
C TYR A 96 2.22 -9.06 3.55
N VAL A 97 2.36 -8.03 2.75
CA VAL A 97 1.26 -7.35 2.10
C VAL A 97 0.64 -8.16 1.00
N GLY A 98 1.35 -9.02 0.31
CA GLY A 98 0.81 -9.90 -0.67
C GLY A 98 0.13 -11.10 -0.11
N PHE A 99 0.27 -11.42 1.16
CA PHE A 99 -0.46 -12.48 1.79
C PHE A 99 -1.88 -12.05 2.09
N TYR A 100 -2.24 -10.78 1.95
CA TYR A 100 -3.58 -10.35 2.17
C TYR A 100 -4.20 -9.62 1.05
N TYR A 101 -3.40 -9.15 0.10
CA TYR A 101 -3.94 -8.43 -1.07
C TYR A 101 -4.53 -9.39 -2.07
N ASN A 102 -4.20 -10.67 -1.99
CA ASN A 102 -4.61 -11.63 -2.95
C ASN A 102 -5.92 -12.16 -2.50
N VAL A 103 -6.35 -11.88 -1.29
CA VAL A 103 -7.69 -12.21 -0.76
C VAL A 103 -8.72 -11.16 -1.19
N ILE A 104 -8.36 -9.92 -1.45
CA ILE A 104 -9.21 -8.89 -1.99
C ILE A 104 -9.43 -9.11 -3.48
N ILE A 105 -8.53 -9.74 -4.27
CA ILE A 105 -8.76 -10.18 -5.64
C ILE A 105 -9.68 -11.39 -5.69
N ALA A 106 -9.56 -12.28 -4.70
CA ALA A 106 -10.48 -13.42 -4.63
C ALA A 106 -11.91 -12.96 -4.36
N TRP A 107 -12.07 -11.96 -3.48
CA TRP A 107 -13.40 -11.39 -3.25
C TRP A 107 -13.96 -10.78 -4.54
N SER A 108 -13.12 -10.06 -5.28
CA SER A 108 -13.56 -9.46 -6.54
C SER A 108 -13.99 -10.53 -7.54
N LEU A 109 -13.22 -11.62 -7.63
CA LEU A 109 -13.57 -12.71 -8.53
C LEU A 109 -14.89 -13.36 -8.13
N TYR A 110 -15.11 -13.56 -6.83
CA TYR A 110 -16.37 -14.12 -6.36
C TYR A 110 -17.54 -13.21 -6.73
N TYR A 111 -17.39 -11.90 -6.51
CA TYR A 111 -18.46 -10.97 -6.85
C TYR A 111 -18.71 -10.96 -8.36
N LEU A 112 -17.65 -10.98 -9.17
CA LEU A 112 -17.81 -10.99 -10.62
C LEU A 112 -18.53 -12.25 -11.10
N PHE A 113 -18.18 -13.40 -10.53
CA PHE A 113 -18.86 -14.64 -10.91
C PHE A 113 -20.31 -14.64 -10.43
N SER A 114 -20.59 -13.94 -9.33
CA SER A 114 -21.98 -13.80 -8.88
C SER A 114 -22.77 -12.75 -9.65
N SER A 115 -22.10 -11.90 -10.42
CA SER A 115 -22.78 -10.82 -11.14
C SER A 115 -23.43 -11.27 -12.45
N PHE A 116 -23.20 -12.51 -12.88
CA PHE A 116 -23.73 -12.99 -14.16
C PHE A 116 -25.16 -13.50 -13.95
N THR A 117 -26.08 -12.55 -13.81
CA THR A 117 -27.49 -12.87 -13.63
C THR A 117 -28.32 -11.62 -13.91
N LEU A 118 -29.64 -11.80 -14.01
CA LEU A 118 -30.58 -10.71 -14.13
C LEU A 118 -31.19 -10.30 -12.80
N ASN A 119 -30.82 -10.97 -11.72
CA ASN A 119 -31.29 -10.65 -10.36
C ASN A 119 -30.09 -10.72 -9.44
N LEU A 120 -29.50 -9.56 -9.16
CA LEU A 120 -28.26 -9.52 -8.38
C LEU A 120 -28.51 -10.05 -6.97
N PRO A 121 -27.54 -10.76 -6.38
CA PRO A 121 -27.77 -11.39 -5.07
C PRO A 121 -27.86 -10.41 -3.90
N TRP A 122 -27.46 -9.15 -4.09
CA TRP A 122 -27.43 -8.18 -3.01
C TRP A 122 -28.60 -7.21 -3.06
N THR A 123 -29.78 -7.69 -3.42
CA THR A 123 -30.95 -6.84 -3.56
C THR A 123 -32.17 -7.32 -2.79
N ASP A 124 -32.23 -8.59 -2.38
CA ASP A 124 -33.40 -9.13 -1.70
C ASP A 124 -32.97 -9.95 -0.49
N CYS A 125 -33.89 -10.05 0.47
CA CYS A 125 -33.66 -10.79 1.71
C CYS A 125 -34.35 -12.16 1.70
N GLY A 126 -34.47 -12.78 0.52
CA GLY A 126 -35.14 -14.06 0.42
C GLY A 126 -34.25 -15.18 -0.08
N HIS A 127 -33.01 -15.23 0.38
CA HIS A 127 -32.04 -16.23 -0.03
C HIS A 127 -31.72 -17.16 1.13
N THR A 128 -30.83 -18.11 0.88
CA THR A 128 -30.45 -19.09 1.90
C THR A 128 -29.49 -18.52 2.93
N TRP A 129 -28.80 -17.42 2.61
CA TRP A 129 -27.84 -16.81 3.53
C TRP A 129 -28.45 -15.69 4.36
N ASN A 130 -29.75 -15.47 4.26
CA ASN A 130 -30.40 -14.33 4.90
C ASN A 130 -30.93 -14.72 6.29
N SER A 131 -30.56 -13.94 7.28
CA SER A 131 -31.06 -14.12 8.65
C SER A 131 -32.51 -13.67 8.72
N PRO A 132 -33.29 -14.19 9.70
CA PRO A 132 -34.70 -13.77 9.82
C PRO A 132 -34.87 -12.33 10.27
N ASN A 133 -33.79 -11.62 10.60
CA ASN A 133 -33.85 -10.21 10.95
C ASN A 133 -33.57 -9.31 9.76
N CYS A 134 -33.60 -9.86 8.55
CA CYS A 134 -33.33 -9.07 7.35
C CYS A 134 -34.46 -8.08 7.04
N THR A 135 -34.12 -6.79 6.94
CA THR A 135 -35.11 -5.74 6.71
C THR A 135 -34.83 -5.08 5.37
N ASP A 136 -35.76 -5.23 4.44
CA ASP A 136 -35.64 -4.54 3.16
C ASP A 136 -36.00 -3.07 3.34
N PRO A 137 -35.13 -2.14 2.96
CA PRO A 137 -35.42 -0.70 3.16
C PRO A 137 -36.39 -0.15 2.11
N LYS A 138 -37.61 -0.67 2.13
CA LYS A 138 -38.64 -0.24 1.20
C LYS A 138 -40.02 -0.37 1.82
N LYS A 153 -24.37 0.68 13.42
CA LYS A 153 -23.56 0.03 12.40
C LYS A 153 -24.42 -0.92 11.57
N TYR A 154 -25.52 -1.36 12.16
CA TYR A 154 -26.54 -2.16 11.50
C TYR A 154 -26.01 -3.49 10.94
N LYS A 155 -25.76 -3.53 9.63
CA LYS A 155 -25.45 -4.76 8.89
C LYS A 155 -26.62 -5.73 8.84
N PHE A 156 -27.85 -5.22 8.88
CA PHE A 156 -29.04 -6.03 8.64
C PHE A 156 -29.66 -5.74 7.28
N THR A 157 -28.97 -4.98 6.44
CA THR A 157 -29.38 -4.64 5.09
C THR A 157 -29.02 -5.76 4.12
N PRO A 158 -29.73 -5.86 2.99
CA PRO A 158 -29.44 -6.97 2.06
C PRO A 158 -28.01 -7.00 1.56
N ALA A 159 -27.39 -5.85 1.29
CA ALA A 159 -26.02 -5.83 0.81
C ALA A 159 -25.04 -6.29 1.88
N ALA A 160 -25.16 -5.74 3.09
CA ALA A 160 -24.32 -6.16 4.20
C ALA A 160 -24.56 -7.61 4.57
N GLU A 161 -25.81 -8.07 4.55
CA GLU A 161 -26.10 -9.47 4.84
C GLU A 161 -25.44 -10.37 3.80
N PHE A 162 -25.53 -10.01 2.51
CA PHE A 162 -24.85 -10.79 1.49
C PHE A 162 -23.36 -10.84 1.75
N TYR A 163 -22.74 -9.68 1.97
CA TYR A 163 -21.29 -9.63 2.14
C TYR A 163 -20.84 -10.45 3.35
N GLU A 164 -21.56 -10.36 4.46
CA GLU A 164 -21.12 -11.00 5.70
C GLU A 164 -21.60 -12.43 5.87
N ARG A 165 -22.53 -12.91 5.03
CA ARG A 165 -23.07 -14.25 5.23
C ARG A 165 -23.11 -15.13 3.99
N GLY A 166 -22.65 -14.64 2.84
CA GLY A 166 -22.63 -15.49 1.66
C GLY A 166 -21.24 -15.58 1.05
N VAL A 167 -20.41 -14.60 1.37
CA VAL A 167 -19.03 -14.55 0.90
C VAL A 167 -18.05 -14.86 2.02
N LEU A 168 -18.22 -14.21 3.17
CA LEU A 168 -17.30 -14.39 4.30
C LEU A 168 -17.71 -15.54 5.21
N HIS A 169 -19.01 -15.77 5.38
CA HIS A 169 -19.51 -16.77 6.34
C HIS A 169 -18.99 -16.50 7.74
N LEU A 170 -18.94 -15.21 8.12
CA LEU A 170 -18.37 -14.79 9.39
C LEU A 170 -19.26 -15.11 10.58
N HIS A 171 -20.56 -15.33 10.35
CA HIS A 171 -21.47 -15.62 11.46
C HIS A 171 -21.13 -16.92 12.17
N GLU A 172 -20.34 -17.79 11.53
CA GLU A 172 -19.94 -19.07 12.12
C GLU A 172 -18.66 -18.98 12.93
N SER A 173 -18.08 -17.78 13.06
CA SER A 173 -16.88 -17.57 13.85
C SER A 173 -17.19 -16.62 15.00
N SER A 174 -16.52 -16.84 16.13
CA SER A 174 -16.74 -16.04 17.32
C SER A 174 -15.62 -15.06 17.63
N GLY A 175 -14.46 -15.21 17.01
CA GLY A 175 -13.34 -14.32 17.27
C GLY A 175 -12.08 -14.84 16.62
N ILE A 176 -10.97 -14.18 16.96
CA ILE A 176 -9.67 -14.60 16.44
C ILE A 176 -9.23 -15.92 17.08
N HIS A 177 -9.80 -16.29 18.23
CA HIS A 177 -9.48 -17.56 18.85
C HIS A 177 -10.24 -18.73 18.23
N ASP A 178 -11.28 -18.45 17.45
CA ASP A 178 -12.08 -19.47 16.78
C ASP A 178 -12.05 -19.16 15.28
N ILE A 179 -11.05 -19.70 14.60
CA ILE A 179 -10.84 -19.37 13.19
C ILE A 179 -11.67 -20.26 12.28
N GLY A 180 -11.62 -21.57 12.47
CA GLY A 180 -12.35 -22.49 11.64
C GLY A 180 -11.55 -22.93 10.42
N LEU A 181 -12.22 -23.71 9.58
CA LEU A 181 -11.62 -24.28 8.38
C LEU A 181 -11.80 -23.35 7.19
N PRO A 182 -10.88 -23.40 6.22
CA PRO A 182 -11.03 -22.56 5.02
C PRO A 182 -12.29 -22.88 4.25
N GLN A 183 -12.90 -21.84 3.68
CA GLN A 183 -14.11 -22.00 2.89
C GLN A 183 -13.72 -22.35 1.45
N TRP A 184 -14.29 -23.44 0.92
CA TRP A 184 -13.83 -23.97 -0.35
C TRP A 184 -14.17 -23.06 -1.52
N GLN A 185 -15.31 -22.37 -1.45
CA GLN A 185 -15.72 -21.46 -2.52
C GLN A 185 -14.79 -20.26 -2.66
N LEU A 186 -14.04 -19.91 -1.62
CA LEU A 186 -13.03 -18.86 -1.71
C LEU A 186 -11.65 -19.41 -2.02
N LEU A 187 -11.34 -20.65 -1.59
CA LEU A 187 -10.13 -21.33 -1.98
C LEU A 187 -10.06 -21.57 -3.49
N LEU A 188 -11.16 -21.97 -4.11
CA LEU A 188 -11.20 -22.15 -5.56
C LEU A 188 -10.99 -20.85 -6.31
N CYS A 189 -11.31 -19.70 -5.71
CA CYS A 189 -11.03 -18.40 -6.31
C CYS A 189 -9.61 -17.94 -6.07
N LEU A 190 -9.03 -18.26 -4.91
CA LEU A 190 -7.64 -17.97 -4.63
C LEU A 190 -6.68 -18.76 -5.53
N MET A 191 -7.02 -20.02 -5.81
CA MET A 191 -6.16 -20.84 -6.65
C MET A 191 -6.01 -20.25 -8.06
N VAL A 192 -7.11 -19.72 -8.61
CA VAL A 192 -7.07 -19.12 -9.94
C VAL A 192 -6.14 -17.92 -9.96
N VAL A 193 -6.22 -17.08 -8.93
CA VAL A 193 -5.38 -15.90 -8.80
C VAL A 193 -3.91 -16.31 -8.74
N VAL A 194 -3.63 -17.33 -7.92
CA VAL A 194 -2.24 -17.79 -7.79
C VAL A 194 -1.71 -18.33 -9.12
N ILE A 195 -2.52 -19.11 -9.82
CA ILE A 195 -2.08 -19.70 -11.09
C ILE A 195 -1.83 -18.59 -12.12
N VAL A 196 -2.72 -17.60 -12.17
CA VAL A 196 -2.57 -16.51 -13.12
C VAL A 196 -1.30 -15.72 -12.83
N LEU A 197 -1.06 -15.43 -11.55
CA LEU A 197 0.17 -14.72 -11.18
C LEU A 197 1.41 -15.50 -11.58
N TYR A 198 1.44 -16.81 -11.29
CA TYR A 198 2.61 -17.59 -11.62
C TYR A 198 2.85 -17.64 -13.11
N PHE A 199 1.79 -17.85 -13.90
CA PHE A 199 1.98 -17.93 -15.34
C PHE A 199 2.23 -16.57 -15.98
N SER A 200 1.94 -15.48 -15.28
CA SER A 200 2.32 -14.16 -15.76
C SER A 200 3.71 -13.74 -15.31
N LEU A 201 4.31 -14.45 -14.35
CA LEU A 201 5.63 -14.09 -13.87
C LEU A 201 6.70 -15.16 -14.11
N TRP A 202 6.36 -16.30 -14.72
CA TRP A 202 7.28 -17.43 -14.72
C TRP A 202 8.43 -17.25 -15.72
N LYS A 203 8.20 -16.58 -16.84
CA LYS A 203 9.21 -16.44 -17.89
C LYS A 203 9.60 -14.97 -18.00
N GLY A 204 10.55 -14.55 -17.18
CA GLY A 204 10.99 -13.17 -17.13
C GLY A 204 9.86 -12.23 -16.76
N VAL A 205 10.18 -10.93 -16.79
CA VAL A 205 9.14 -9.93 -16.59
C VAL A 205 8.23 -9.88 -17.81
N LYS A 206 6.97 -9.49 -17.58
CA LYS A 206 6.05 -9.31 -18.69
C LYS A 206 6.53 -8.17 -19.58
N THR A 207 6.28 -8.31 -20.88
CA THR A 207 6.89 -7.42 -21.86
C THR A 207 6.18 -6.10 -21.97
N SER A 208 5.33 -5.78 -20.99
CA SER A 208 4.66 -4.48 -20.85
C SER A 208 3.63 -4.26 -21.93
N GLY A 209 2.66 -3.39 -21.67
CA GLY A 209 1.60 -3.13 -22.61
C GLY A 209 0.68 -4.31 -22.80
N LYS A 210 0.52 -5.12 -21.75
CA LYS A 210 -0.40 -6.25 -21.79
C LYS A 210 -1.34 -6.18 -20.59
N VAL A 211 -0.81 -5.78 -19.44
CA VAL A 211 -1.60 -5.67 -18.22
C VAL A 211 -1.99 -4.22 -17.94
N VAL A 212 -1.33 -3.26 -18.60
CA VAL A 212 -1.74 -1.87 -18.47
C VAL A 212 -1.97 -1.27 -19.85
N TRP A 213 -3.18 -1.44 -20.38
CA TRP A 213 -3.78 -0.58 -21.36
C TRP A 213 -5.24 -0.49 -20.96
N ILE A 214 -5.59 -1.29 -19.96
CA ILE A 214 -6.92 -1.30 -19.36
C ILE A 214 -6.91 -0.79 -17.93
N THR A 215 -5.81 -0.97 -17.19
CA THR A 215 -5.64 -0.33 -15.89
C THR A 215 -5.57 1.19 -16.03
N ALA A 216 -5.10 1.67 -17.19
CA ALA A 216 -4.98 3.09 -17.43
C ALA A 216 -6.32 3.77 -17.66
N THR A 217 -7.20 3.15 -18.46
CA THR A 217 -8.39 3.85 -18.91
C THR A 217 -9.63 3.49 -18.09
N LEU A 218 -9.84 2.20 -17.81
CA LEU A 218 -11.11 1.79 -17.19
C LEU A 218 -11.36 2.43 -15.84
N PRO A 219 -10.40 2.51 -14.91
CA PRO A 219 -10.71 3.15 -13.61
C PRO A 219 -11.26 4.56 -13.74
N TYR A 220 -10.71 5.38 -14.63
CA TYR A 220 -11.21 6.74 -14.80
C TYR A 220 -12.60 6.79 -15.39
N PHE A 221 -12.89 5.94 -16.38
CA PHE A 221 -14.24 5.90 -16.93
C PHE A 221 -15.26 5.48 -15.89
N VAL A 222 -14.97 4.42 -15.13
CA VAL A 222 -15.88 3.95 -14.10
C VAL A 222 -16.07 4.99 -13.01
N LEU A 223 -14.98 5.61 -12.54
CA LEU A 223 -15.09 6.64 -11.52
C LEU A 223 -15.87 7.85 -12.02
N PHE A 224 -15.66 8.27 -13.27
CA PHE A 224 -16.42 9.39 -13.82
C PHE A 224 -17.90 9.06 -13.89
N VAL A 225 -18.25 7.86 -14.35
CA VAL A 225 -19.67 7.50 -14.43
C VAL A 225 -20.30 7.48 -13.04
N LEU A 226 -19.63 6.88 -12.07
CA LEU A 226 -20.17 6.85 -10.71
C LEU A 226 -20.29 8.25 -10.12
N LEU A 227 -19.30 9.11 -10.34
CA LEU A 227 -19.32 10.48 -9.84
C LEU A 227 -20.44 11.31 -10.45
N VAL A 228 -20.67 11.23 -11.76
CA VAL A 228 -21.78 11.98 -12.35
C VAL A 228 -23.12 11.42 -11.91
N HIS A 229 -23.26 10.10 -11.78
CA HIS A 229 -24.53 9.51 -11.38
C HIS A 229 -24.88 9.76 -9.91
N GLY A 230 -23.88 9.79 -9.02
CA GLY A 230 -24.17 9.85 -7.60
C GLY A 230 -24.60 11.21 -7.07
N VAL A 231 -24.41 12.29 -7.84
CA VAL A 231 -24.81 13.61 -7.37
C VAL A 231 -26.28 13.91 -7.60
N THR A 232 -26.99 13.06 -8.34
CA THR A 232 -28.41 13.25 -8.57
C THR A 232 -29.28 12.37 -7.68
N LEU A 233 -28.67 11.52 -6.87
CA LEU A 233 -29.44 10.68 -5.96
C LEU A 233 -30.03 11.52 -4.83
N PRO A 234 -31.18 11.12 -4.29
CA PRO A 234 -31.77 11.86 -3.17
C PRO A 234 -30.95 11.68 -1.91
N GLY A 235 -30.65 12.79 -1.24
CA GLY A 235 -29.89 12.76 -0.01
C GLY A 235 -28.40 12.74 -0.15
N ALA A 236 -27.87 12.91 -1.37
CA ALA A 236 -26.42 12.98 -1.54
C ALA A 236 -25.84 14.33 -1.15
N SER A 237 -26.68 15.37 -1.08
CA SER A 237 -26.19 16.69 -0.69
C SER A 237 -25.66 16.69 0.73
N ASN A 238 -26.32 15.95 1.63
CA ASN A 238 -25.82 15.84 2.99
C ASN A 238 -24.45 15.20 3.04
N GLY A 239 -24.24 14.14 2.25
CA GLY A 239 -22.93 13.52 2.19
C GLY A 239 -21.87 14.44 1.63
N ILE A 240 -22.21 15.19 0.58
CA ILE A 240 -21.26 16.14 0.01
C ILE A 240 -20.90 17.21 1.03
N ASN A 241 -21.90 17.72 1.75
CA ASN A 241 -21.64 18.73 2.77
C ASN A 241 -20.75 18.18 3.89
N ALA A 242 -21.01 16.95 4.33
CA ALA A 242 -20.19 16.35 5.37
C ALA A 242 -18.76 16.12 4.87
N TYR A 243 -18.60 15.80 3.58
CA TYR A 243 -17.26 15.65 3.02
C TYR A 243 -16.52 16.98 2.98
N LEU A 244 -17.17 18.03 2.49
CA LEU A 244 -16.55 19.35 2.38
C LEU A 244 -16.80 20.18 3.64
N HIS A 245 -16.40 19.61 4.77
CA HIS A 245 -16.54 20.28 6.06
C HIS A 245 -15.46 19.76 6.99
N ILE A 246 -14.64 20.66 7.53
CA ILE A 246 -13.50 20.31 8.37
C ILE A 246 -13.82 20.70 9.80
N ASP A 247 -13.82 19.71 10.69
CA ASP A 247 -14.00 19.93 12.11
C ASP A 247 -12.66 19.70 12.80
N PHE A 248 -12.18 20.72 13.53
CA PHE A 248 -10.82 20.71 14.03
C PHE A 248 -10.62 19.83 15.25
N TYR A 249 -11.69 19.33 15.88
CA TYR A 249 -11.52 18.47 17.03
C TYR A 249 -10.95 17.11 16.63
N ARG A 250 -11.19 16.69 15.39
CA ARG A 250 -10.59 15.44 14.92
C ARG A 250 -9.09 15.58 14.75
N LEU A 251 -8.62 16.76 14.35
CA LEU A 251 -7.20 17.03 14.39
C LEU A 251 -6.71 17.10 15.83
N LYS A 252 -5.41 17.36 16.00
CA LYS A 252 -4.72 17.31 17.28
C LYS A 252 -4.76 15.92 17.90
N GLU A 253 -5.26 14.93 17.17
CA GLU A 253 -5.24 13.53 17.57
C GLU A 253 -4.28 12.78 16.68
N ALA A 254 -3.60 11.79 17.25
CA ALA A 254 -2.52 11.10 16.53
C ALA A 254 -3.03 10.25 15.39
N THR A 255 -4.24 9.70 15.51
CA THR A 255 -4.70 8.69 14.56
C THR A 255 -4.80 9.24 13.14
N VAL A 256 -5.31 10.47 12.99
CA VAL A 256 -5.49 11.04 11.67
C VAL A 256 -4.14 11.22 10.97
N TRP A 257 -3.16 11.77 11.68
CA TRP A 257 -1.84 12.00 11.09
C TRP A 257 -1.15 10.69 10.74
N ILE A 258 -1.23 9.71 11.65
CA ILE A 258 -0.59 8.42 11.39
C ILE A 258 -1.22 7.75 10.17
N ASP A 259 -2.55 7.77 10.10
CA ASP A 259 -3.24 7.16 8.97
C ASP A 259 -2.89 7.86 7.67
N ALA A 260 -2.84 9.19 7.68
CA ALA A 260 -2.51 9.94 6.47
C ALA A 260 -1.10 9.60 5.99
N ALA A 261 -0.13 9.57 6.91
CA ALA A 261 1.24 9.25 6.52
C ALA A 261 1.35 7.84 5.95
N THR A 262 0.71 6.87 6.64
CA THR A 262 0.77 5.49 6.17
C THR A 262 0.11 5.35 4.81
N GLN A 263 -1.02 6.02 4.59
CA GLN A 263 -1.69 5.92 3.29
C GLN A 263 -0.88 6.58 2.19
N ILE A 264 -0.20 7.68 2.49
CA ILE A 264 0.69 8.28 1.50
C ILE A 264 1.79 7.31 1.11
N PHE A 265 2.44 6.69 2.09
CA PHE A 265 3.53 5.78 1.79
C PHE A 265 3.03 4.37 1.50
N PHE A 266 1.75 4.26 1.13
CA PHE A 266 1.15 3.00 0.73
C PHE A 266 0.61 3.13 -0.69
N SER A 267 0.13 4.34 -1.02
CA SER A 267 -0.45 4.60 -2.33
C SER A 267 0.54 5.25 -3.29
N LEU A 268 1.57 5.93 -2.79
CA LEU A 268 2.58 6.46 -3.68
C LEU A 268 3.60 5.43 -4.14
N GLY A 269 3.61 4.24 -3.52
CA GLY A 269 4.50 3.17 -3.91
C GLY A 269 5.87 3.20 -3.27
N ALA A 270 6.20 4.26 -2.54
CA ALA A 270 7.50 4.36 -1.91
C ALA A 270 7.58 3.49 -0.67
N GLY A 271 8.79 3.03 -0.36
CA GLY A 271 9.04 2.23 0.82
C GLY A 271 8.84 0.74 0.64
N PHE A 272 8.33 0.29 -0.51
CA PHE A 272 8.12 -1.13 -0.78
C PHE A 272 9.20 -1.73 -1.65
N GLY A 273 10.19 -0.95 -2.07
CA GLY A 273 11.23 -1.47 -2.95
C GLY A 273 10.82 -1.69 -4.37
N VAL A 274 9.64 -1.21 -4.77
CA VAL A 274 9.14 -1.40 -6.13
C VAL A 274 9.63 -0.30 -7.06
N LEU A 275 9.74 0.93 -6.56
CA LEU A 275 10.18 2.03 -7.42
C LEU A 275 11.61 1.83 -7.87
N ILE A 276 12.49 1.37 -6.98
CA ILE A 276 13.89 1.16 -7.35
C ILE A 276 14.00 0.07 -8.40
N ALA A 277 13.29 -1.04 -8.21
CA ALA A 277 13.33 -2.13 -9.18
C ALA A 277 12.75 -1.70 -10.52
N PHE A 278 11.68 -0.91 -10.50
CA PHE A 278 11.09 -0.42 -11.75
C PHE A 278 12.06 0.51 -12.48
N ALA A 279 12.72 1.41 -11.74
CA ALA A 279 13.65 2.33 -12.36
C ALA A 279 14.92 1.64 -12.84
N SER A 280 15.26 0.48 -12.26
CA SER A 280 16.44 -0.25 -12.72
C SER A 280 16.33 -0.70 -14.16
N TYR A 281 15.12 -0.86 -14.69
CA TYR A 281 14.89 -1.17 -16.10
C TYR A 281 14.27 0.06 -16.75
N ASN A 282 15.11 0.99 -17.17
CA ASN A 282 14.63 2.23 -17.77
C ASN A 282 15.77 2.88 -18.54
N LYS A 283 15.41 3.81 -19.42
CA LYS A 283 16.40 4.59 -20.14
C LYS A 283 17.16 5.49 -19.17
N PHE A 284 18.48 5.61 -19.41
CA PHE A 284 19.34 6.30 -18.46
C PHE A 284 18.95 7.78 -18.32
N ASP A 285 18.66 8.45 -19.43
CA ASP A 285 18.35 9.87 -19.42
C ASP A 285 16.86 10.16 -19.33
N ASN A 286 16.07 9.20 -18.82
CA ASN A 286 14.65 9.44 -18.63
C ASN A 286 14.42 10.38 -17.46
N ASN A 287 13.57 11.39 -17.68
CA ASN A 287 13.26 12.35 -16.63
C ASN A 287 12.43 11.72 -15.53
N CYS A 288 12.79 12.01 -14.28
CA CYS A 288 11.99 11.60 -13.13
C CYS A 288 11.36 12.75 -12.38
N TYR A 289 11.80 13.98 -12.64
CA TYR A 289 11.13 15.16 -12.10
C TYR A 289 9.69 15.23 -12.57
N ARG A 290 9.48 15.13 -13.88
CA ARG A 290 8.13 15.15 -14.44
C ARG A 290 7.35 13.93 -14.00
N ASP A 291 8.00 12.77 -13.93
CA ASP A 291 7.34 11.55 -13.48
C ASP A 291 6.80 11.72 -12.06
N ALA A 292 7.61 12.25 -11.16
CA ALA A 292 7.19 12.44 -9.78
C ALA A 292 6.04 13.43 -9.69
N LEU A 293 6.17 14.58 -10.38
CA LEU A 293 5.11 15.58 -10.31
C LEU A 293 3.80 15.04 -10.84
N LEU A 294 3.84 14.39 -12.00
CA LEU A 294 2.61 13.87 -12.62
C LEU A 294 1.99 12.77 -11.76
N THR A 295 2.81 11.86 -11.24
CA THR A 295 2.28 10.77 -10.43
C THR A 295 1.61 11.31 -9.17
N SER A 296 2.24 12.27 -8.51
CA SER A 296 1.66 12.83 -7.29
C SER A 296 0.35 13.56 -7.60
N SER A 297 0.34 14.36 -8.66
CA SER A 297 -0.89 15.11 -9.00
C SER A 297 -2.04 14.16 -9.32
N ILE A 298 -1.77 13.12 -10.11
CA ILE A 298 -2.83 12.19 -10.48
C ILE A 298 -3.30 11.41 -9.26
N ASN A 299 -2.38 11.02 -8.39
CA ASN A 299 -2.76 10.32 -7.16
C ASN A 299 -3.71 11.17 -6.32
N CYS A 300 -3.37 12.45 -6.15
CA CYS A 300 -4.22 13.34 -5.36
C CYS A 300 -5.59 13.50 -6.01
N ILE A 301 -5.62 13.68 -7.32
CA ILE A 301 -6.90 13.88 -8.01
C ILE A 301 -7.80 12.65 -7.86
N THR A 302 -7.23 11.47 -8.09
CA THR A 302 -8.02 10.24 -7.98
C THR A 302 -8.52 10.05 -6.55
N SER A 303 -7.69 10.34 -5.56
CA SER A 303 -8.12 10.21 -4.17
C SER A 303 -9.29 11.14 -3.87
N PHE A 304 -9.20 12.39 -4.33
CA PHE A 304 -10.28 13.35 -4.09
C PHE A 304 -11.59 12.90 -4.75
N VAL A 305 -11.51 12.44 -6.00
CA VAL A 305 -12.71 12.01 -6.71
C VAL A 305 -13.34 10.80 -6.03
N SER A 306 -12.50 9.84 -5.61
CA SER A 306 -13.00 8.66 -4.93
C SER A 306 -13.71 9.02 -3.64
N GLY A 307 -13.12 9.94 -2.87
CA GLY A 307 -13.74 10.41 -1.64
C GLY A 307 -15.08 11.06 -1.88
N PHE A 308 -15.15 11.90 -2.91
CA PHE A 308 -16.40 12.56 -3.28
C PHE A 308 -17.50 11.54 -3.58
N ALA A 309 -17.18 10.57 -4.44
CA ALA A 309 -18.18 9.57 -4.82
C ALA A 309 -18.63 8.75 -3.62
N ILE A 310 -17.67 8.33 -2.79
CA ILE A 310 -17.99 7.50 -1.64
C ILE A 310 -18.91 8.23 -0.69
N PHE A 311 -18.62 9.52 -0.43
CA PHE A 311 -19.45 10.25 0.52
C PHE A 311 -20.81 10.57 -0.06
N SER A 312 -20.92 10.74 -1.38
CA SER A 312 -22.24 10.91 -1.98
C SER A 312 -23.09 9.66 -1.78
N ILE A 313 -22.51 8.48 -2.02
CA ILE A 313 -23.25 7.24 -1.83
C ILE A 313 -23.61 7.06 -0.36
N LEU A 314 -22.70 7.42 0.54
CA LEU A 314 -22.98 7.31 1.97
C LEU A 314 -24.14 8.21 2.38
N GLY A 315 -24.18 9.43 1.85
CA GLY A 315 -25.30 10.32 2.12
C GLY A 315 -26.61 9.76 1.60
N TYR A 316 -26.58 9.18 0.41
CA TYR A 316 -27.79 8.55 -0.14
C TYR A 316 -28.30 7.45 0.78
N MET A 317 -27.41 6.54 1.19
CA MET A 317 -27.84 5.44 2.07
C MET A 317 -28.31 5.96 3.41
N ALA A 318 -27.66 6.99 3.96
CA ALA A 318 -28.11 7.56 5.23
C ALA A 318 -29.51 8.14 5.10
N HIS A 319 -29.80 8.81 3.99
CA HIS A 319 -31.15 9.32 3.76
C HIS A 319 -32.16 8.18 3.66
N GLU A 320 -31.79 7.10 2.96
CA GLU A 320 -32.74 6.01 2.75
C GLU A 320 -33.12 5.32 4.06
N HIS A 321 -32.16 5.11 4.97
CA HIS A 321 -32.40 4.38 6.19
C HIS A 321 -32.86 5.26 7.35
N LYS A 322 -32.95 6.57 7.14
CA LYS A 322 -33.41 7.52 8.16
C LYS A 322 -32.53 7.47 9.40
N VAL A 323 -31.22 7.36 9.20
CA VAL A 323 -30.23 7.37 10.27
C VAL A 323 -29.16 8.40 9.93
N ASN A 324 -28.22 8.58 10.87
CA ASN A 324 -27.11 9.50 10.66
C ASN A 324 -26.10 8.90 9.68
N ILE A 325 -25.18 9.74 9.23
CA ILE A 325 -24.22 9.35 8.21
C ILE A 325 -23.08 8.60 8.89
N GLU A 326 -23.05 8.63 10.22
CA GLU A 326 -21.99 8.00 10.99
C GLU A 326 -22.36 6.62 11.52
N ASP A 327 -23.59 6.17 11.30
CA ASP A 327 -24.04 4.86 11.79
C ASP A 327 -24.67 4.04 10.68
N VAL A 328 -24.26 4.27 9.43
CA VAL A 328 -24.92 3.64 8.29
C VAL A 328 -24.05 2.57 7.62
N ALA A 329 -22.74 2.58 7.83
CA ALA A 329 -21.87 1.65 7.13
C ALA A 329 -20.73 1.23 8.04
N THR A 330 -20.09 0.12 7.67
CA THR A 330 -18.96 -0.41 8.42
C THR A 330 -17.73 0.46 8.20
N GLU A 331 -16.79 0.38 9.14
CA GLU A 331 -15.55 1.14 9.10
C GLU A 331 -14.34 0.24 8.80
N GLY A 332 -14.59 -0.96 8.28
CA GLY A 332 -13.56 -1.92 8.02
C GLY A 332 -13.08 -1.93 6.59
N ALA A 333 -12.46 -3.05 6.20
CA ALA A 333 -11.87 -3.18 4.88
C ALA A 333 -12.86 -3.65 3.82
N GLY A 334 -14.11 -3.90 4.18
CA GLY A 334 -15.10 -4.30 3.21
C GLY A 334 -16.15 -3.23 2.96
N LEU A 335 -15.73 -1.97 3.02
CA LEU A 335 -16.68 -0.87 2.84
C LEU A 335 -17.12 -0.75 1.38
N VAL A 336 -16.19 -0.88 0.44
CA VAL A 336 -16.52 -0.76 -0.97
C VAL A 336 -17.44 -1.85 -1.46
N PHE A 337 -17.28 -3.08 -0.94
CA PHE A 337 -18.12 -4.20 -1.32
C PHE A 337 -19.53 -4.11 -0.77
N ILE A 338 -19.86 -3.04 -0.05
CA ILE A 338 -21.21 -2.81 0.43
C ILE A 338 -21.71 -1.50 -0.17
N LEU A 339 -20.77 -0.59 -0.43
CA LEU A 339 -21.15 0.72 -0.97
C LEU A 339 -21.39 0.66 -2.48
N TYR A 340 -20.38 0.22 -3.24
CA TYR A 340 -20.48 0.26 -4.69
C TYR A 340 -21.59 -0.61 -5.26
N PRO A 341 -21.83 -1.84 -4.79
CA PRO A 341 -23.01 -2.57 -5.28
C PRO A 341 -24.33 -1.85 -5.06
N GLU A 342 -24.45 -1.12 -3.94
CA GLU A 342 -25.68 -0.37 -3.68
C GLU A 342 -25.91 0.71 -4.73
N ALA A 343 -24.85 1.42 -5.13
CA ALA A 343 -24.97 2.42 -6.18
C ALA A 343 -25.19 1.77 -7.54
N ILE A 344 -24.58 0.59 -7.77
CA ILE A 344 -24.75 -0.11 -9.03
C ILE A 344 -26.21 -0.52 -9.22
N SER A 345 -26.83 -1.02 -8.16
CA SER A 345 -28.19 -1.52 -8.22
C SER A 345 -29.23 -0.44 -8.52
N THR A 346 -28.82 0.83 -8.60
CA THR A 346 -29.72 1.92 -8.94
C THR A 346 -29.62 2.38 -10.39
N LEU A 347 -28.56 2.01 -11.11
CA LEU A 347 -28.40 2.40 -12.49
C LEU A 347 -29.35 1.60 -13.39
N SER A 348 -29.41 2.00 -14.65
CA SER A 348 -30.21 1.31 -15.66
C SER A 348 -29.32 0.28 -16.34
N GLY A 349 -29.72 -0.99 -16.28
CA GLY A 349 -28.86 -2.06 -16.75
C GLY A 349 -27.76 -2.35 -15.74
N SER A 350 -28.17 -2.83 -14.56
CA SER A 350 -27.27 -2.97 -13.42
C SER A 350 -26.42 -4.24 -13.49
N THR A 351 -26.53 -5.01 -14.57
CA THR A 351 -25.65 -6.16 -14.79
C THR A 351 -24.41 -5.79 -15.58
N PHE A 352 -24.56 -5.03 -16.67
CA PHE A 352 -23.43 -4.56 -17.44
C PHE A 352 -22.46 -3.75 -16.58
N TRP A 353 -22.99 -2.82 -15.78
CA TRP A 353 -22.15 -1.97 -14.95
C TRP A 353 -21.46 -2.78 -13.84
N ALA A 354 -22.15 -3.75 -13.26
CA ALA A 354 -21.53 -4.60 -12.26
C ALA A 354 -20.37 -5.39 -12.85
N VAL A 355 -20.58 -5.97 -14.03
CA VAL A 355 -19.51 -6.72 -14.68
C VAL A 355 -18.32 -5.81 -14.97
N VAL A 356 -18.60 -4.61 -15.49
CA VAL A 356 -17.52 -3.68 -15.83
C VAL A 356 -16.72 -3.32 -14.58
N PHE A 357 -17.43 -2.98 -13.50
CA PHE A 357 -16.76 -2.55 -12.27
C PHE A 357 -15.90 -3.67 -11.69
N PHE A 358 -16.41 -4.90 -11.67
CA PHE A 358 -15.65 -5.96 -11.04
C PHE A 358 -14.49 -6.42 -11.93
N VAL A 359 -14.64 -6.32 -13.25
CA VAL A 359 -13.50 -6.55 -14.14
C VAL A 359 -12.40 -5.51 -13.88
N MET A 360 -12.80 -4.25 -13.69
CA MET A 360 -11.83 -3.20 -13.38
C MET A 360 -11.11 -3.50 -12.07
N LEU A 361 -11.86 -3.92 -11.05
CA LEU A 361 -11.25 -4.23 -9.76
C LEU A 361 -10.26 -5.39 -9.89
N LEU A 362 -10.65 -6.43 -10.64
CA LEU A 362 -9.76 -7.57 -10.85
C LEU A 362 -8.47 -7.14 -11.55
N ALA A 363 -8.58 -6.28 -12.57
CA ALA A 363 -7.41 -5.82 -13.28
C ALA A 363 -6.48 -5.03 -12.37
N LEU A 364 -7.04 -4.13 -11.56
CA LEU A 364 -6.22 -3.36 -10.62
C LEU A 364 -5.49 -4.28 -9.63
N GLY A 365 -6.22 -5.25 -9.07
CA GLY A 365 -5.61 -6.15 -8.10
C GLY A 365 -4.50 -6.98 -8.72
N LEU A 366 -4.73 -7.49 -9.93
CA LEU A 366 -3.70 -8.28 -10.59
C LEU A 366 -2.47 -7.44 -10.88
N ASP A 367 -2.66 -6.20 -11.32
CA ASP A 367 -1.53 -5.32 -11.59
C ASP A 367 -0.69 -5.08 -10.34
N SER A 368 -1.36 -4.76 -9.23
CA SER A 368 -0.64 -4.48 -7.99
C SER A 368 0.10 -5.72 -7.49
N SER A 369 -0.56 -6.88 -7.53
CA SER A 369 0.09 -8.10 -7.06
C SER A 369 1.29 -8.45 -7.93
N MET A 370 1.17 -8.28 -9.24
CA MET A 370 2.28 -8.54 -10.14
C MET A 370 3.45 -7.63 -9.84
N GLY A 371 3.18 -6.35 -9.62
CA GLY A 371 4.23 -5.42 -9.28
C GLY A 371 4.97 -5.80 -8.00
N GLY A 372 4.21 -6.12 -6.95
CA GLY A 372 4.84 -6.48 -5.69
C GLY A 372 5.67 -7.75 -5.79
N MET A 373 5.11 -8.79 -6.42
CA MET A 373 5.85 -10.05 -6.53
C MET A 373 7.08 -9.91 -7.40
N GLU A 374 7.00 -9.13 -8.48
CA GLU A 374 8.18 -8.87 -9.30
C GLU A 374 9.24 -8.13 -8.52
N ALA A 375 8.83 -7.16 -7.70
CA ALA A 375 9.78 -6.45 -6.85
C ALA A 375 10.51 -7.41 -5.93
N VAL A 376 9.76 -8.32 -5.29
CA VAL A 376 10.36 -9.29 -4.38
C VAL A 376 11.34 -10.20 -5.12
N ILE A 377 10.91 -10.72 -6.27
CA ILE A 377 11.73 -11.69 -7.01
C ILE A 377 13.02 -11.04 -7.49
N THR A 378 12.92 -9.83 -8.05
CA THR A 378 14.11 -9.13 -8.52
C THR A 378 15.04 -8.77 -7.37
N GLY A 379 14.49 -8.28 -6.25
CA GLY A 379 15.32 -7.90 -5.13
C GLY A 379 16.02 -9.07 -4.48
N LEU A 380 15.43 -10.27 -4.56
CA LEU A 380 16.09 -11.44 -4.02
C LEU A 380 17.01 -12.14 -5.02
N ALA A 381 16.78 -11.97 -6.32
CA ALA A 381 17.62 -12.59 -7.32
C ALA A 381 18.81 -11.72 -7.71
N ASP A 382 18.82 -10.45 -7.33
CA ASP A 382 20.00 -9.63 -7.56
C ASP A 382 21.11 -9.90 -6.55
N ASP A 383 20.77 -10.29 -5.32
CA ASP A 383 21.80 -10.56 -4.31
C ASP A 383 22.57 -11.82 -4.64
N PHE A 384 21.89 -12.89 -5.03
CA PHE A 384 22.50 -14.19 -5.27
C PHE A 384 22.42 -14.52 -6.76
N GLN A 385 23.53 -14.96 -7.34
CA GLN A 385 23.59 -15.27 -8.76
C GLN A 385 23.06 -16.66 -9.09
N VAL A 386 22.83 -17.51 -8.08
CA VAL A 386 22.30 -18.84 -8.36
C VAL A 386 20.79 -18.81 -8.58
N LEU A 387 20.11 -17.74 -8.20
CA LEU A 387 18.68 -17.61 -8.40
C LEU A 387 18.31 -16.95 -9.71
N LYS A 388 19.28 -16.43 -10.46
CA LYS A 388 19.00 -15.79 -11.73
C LYS A 388 18.90 -16.79 -12.88
N ARG A 389 19.34 -18.03 -12.69
CA ARG A 389 19.18 -19.07 -13.69
C ARG A 389 18.18 -20.15 -13.27
N HIS A 390 17.38 -19.88 -12.24
CA HIS A 390 16.36 -20.79 -11.74
C HIS A 390 15.07 -20.03 -11.48
N ARG A 391 14.65 -19.22 -12.45
CA ARG A 391 13.51 -18.34 -12.23
C ARG A 391 12.20 -19.12 -12.05
N LYS A 392 12.04 -20.24 -12.76
CA LYS A 392 10.82 -21.04 -12.61
C LYS A 392 10.65 -21.53 -11.19
N LEU A 393 11.70 -22.15 -10.64
CA LEU A 393 11.62 -22.71 -9.29
C LEU A 393 11.43 -21.61 -8.25
N PHE A 394 12.14 -20.50 -8.38
CA PHE A 394 12.04 -19.42 -7.40
C PHE A 394 10.66 -18.78 -7.44
N THR A 395 10.14 -18.53 -8.64
CA THR A 395 8.79 -17.98 -8.76
C THR A 395 7.76 -18.93 -8.18
N PHE A 396 7.91 -20.23 -8.45
CA PHE A 396 7.00 -21.22 -7.88
C PHE A 396 7.05 -21.18 -6.35
N GLY A 397 8.25 -21.10 -5.80
CA GLY A 397 8.40 -21.04 -4.35
C GLY A 397 7.72 -19.84 -3.74
N VAL A 398 7.95 -18.66 -4.32
CA VAL A 398 7.34 -17.44 -3.78
C VAL A 398 5.83 -17.51 -3.88
N THR A 399 5.31 -17.93 -5.03
CA THR A 399 3.86 -17.97 -5.23
C THR A 399 3.20 -18.99 -4.33
N PHE A 400 3.81 -20.17 -4.17
CA PHE A 400 3.24 -21.20 -3.31
C PHE A 400 3.29 -20.79 -1.85
N SER A 401 4.36 -20.13 -1.43
CA SER A 401 4.41 -19.61 -0.06
C SER A 401 3.32 -18.57 0.17
N THR A 402 3.09 -17.70 -0.81
CA THR A 402 2.03 -16.71 -0.69
C THR A 402 0.67 -17.39 -0.57
N PHE A 403 0.42 -18.40 -1.39
CA PHE A 403 -0.84 -19.13 -1.33
C PHE A 403 -1.04 -19.81 0.04
N LEU A 404 0.00 -20.49 0.52
CA LEU A 404 -0.12 -21.20 1.79
C LEU A 404 -0.33 -20.25 2.95
N LEU A 405 0.35 -19.10 2.95
CA LEU A 405 0.18 -18.14 4.03
C LEU A 405 -1.14 -17.38 3.91
N ALA A 406 -1.68 -17.20 2.71
CA ALA A 406 -2.97 -16.55 2.54
C ALA A 406 -4.13 -17.49 2.81
N LEU A 407 -3.86 -18.80 2.89
CA LEU A 407 -4.90 -19.74 3.34
C LEU A 407 -5.52 -19.36 4.69
N PHE A 408 -4.84 -18.55 5.50
CA PHE A 408 -5.35 -18.18 6.82
C PHE A 408 -6.49 -17.18 6.74
N CYS A 409 -6.54 -16.36 5.68
CA CYS A 409 -7.49 -15.27 5.60
C CYS A 409 -8.79 -15.63 4.87
N ILE A 410 -8.93 -16.87 4.39
CA ILE A 410 -10.16 -17.30 3.74
C ILE A 410 -10.95 -18.26 4.60
N THR A 411 -10.63 -18.34 5.89
CA THR A 411 -11.37 -19.19 6.82
C THR A 411 -12.68 -18.51 7.19
N LYS A 412 -13.43 -19.10 8.12
CA LYS A 412 -14.67 -18.52 8.57
C LYS A 412 -14.48 -17.32 9.47
N GLY A 413 -13.26 -17.09 9.97
CA GLY A 413 -12.95 -15.92 10.75
C GLY A 413 -11.72 -15.20 10.24
N GLY A 414 -11.53 -15.21 8.93
CA GLY A 414 -10.35 -14.63 8.33
C GLY A 414 -10.33 -13.12 8.24
N ILE A 415 -11.49 -12.47 8.43
CA ILE A 415 -11.52 -11.01 8.43
C ILE A 415 -10.74 -10.45 9.62
N TYR A 416 -10.70 -11.16 10.74
CA TYR A 416 -9.92 -10.71 11.89
C TYR A 416 -8.42 -10.76 11.60
N VAL A 417 -7.97 -11.85 10.96
CA VAL A 417 -6.56 -11.94 10.55
C VAL A 417 -6.23 -10.87 9.52
N LEU A 418 -7.13 -10.61 8.56
CA LEU A 418 -6.90 -9.55 7.59
C LEU A 418 -6.83 -8.19 8.26
N THR A 419 -7.69 -7.94 9.26
CA THR A 419 -7.62 -6.69 10.01
C THR A 419 -6.30 -6.55 10.77
N LEU A 420 -5.82 -7.64 11.37
CA LEU A 420 -4.53 -7.60 12.04
C LEU A 420 -3.41 -7.27 11.07
N LEU A 421 -3.40 -7.93 9.91
CA LEU A 421 -2.35 -7.75 8.92
C LEU A 421 -2.42 -6.41 8.20
N ASP A 422 -3.60 -5.81 8.08
CA ASP A 422 -3.76 -4.50 7.45
C ASP A 422 -3.39 -3.37 8.41
N THR A 423 -3.08 -3.71 9.65
CA THR A 423 -2.70 -2.71 10.64
C THR A 423 -1.22 -2.85 10.99
N PHE A 424 -0.72 -4.09 11.07
CA PHE A 424 0.63 -4.30 11.58
C PHE A 424 1.65 -4.72 10.54
N ALA A 425 1.24 -5.13 9.33
CA ALA A 425 2.25 -5.52 8.34
C ALA A 425 3.04 -4.33 7.82
N ALA A 426 2.35 -3.23 7.43
CA ALA A 426 3.04 -2.00 7.04
C ALA A 426 2.38 -0.85 7.81
N GLY A 427 2.83 -0.67 9.05
CA GLY A 427 2.38 0.42 9.88
C GLY A 427 3.51 1.37 10.21
N THR A 428 4.03 1.23 11.43
CA THR A 428 5.25 1.95 11.82
C THR A 428 6.49 1.40 11.13
N SER A 429 6.47 0.14 10.69
CA SER A 429 7.64 -0.46 10.07
C SER A 429 7.98 0.22 8.75
N ILE A 430 6.96 0.50 7.92
CA ILE A 430 7.22 1.17 6.64
C ILE A 430 7.75 2.58 6.85
N LEU A 431 7.20 3.34 7.81
CA LEU A 431 7.71 4.66 8.14
C LEU A 431 9.14 4.60 8.63
N PHE A 432 9.46 3.62 9.47
CA PHE A 432 10.83 3.46 9.96
C PHE A 432 11.78 3.15 8.80
N ALA A 433 11.36 2.29 7.88
CA ALA A 433 12.22 1.94 6.75
C ALA A 433 12.48 3.16 5.87
N VAL A 434 11.44 3.93 5.56
CA VAL A 434 11.61 5.12 4.72
C VAL A 434 12.48 6.15 5.43
N LEU A 435 12.26 6.34 6.73
CA LEU A 435 13.09 7.28 7.49
C LEU A 435 14.55 6.86 7.48
N MET A 436 14.81 5.57 7.69
CA MET A 436 16.18 5.10 7.74
C MET A 436 16.85 5.23 6.39
N GLU A 437 16.12 4.95 5.31
CA GLU A 437 16.68 5.12 3.97
C GLU A 437 17.03 6.59 3.70
N ALA A 438 16.12 7.50 4.06
CA ALA A 438 16.37 8.92 3.85
C ALA A 438 17.58 9.39 4.65
N ILE A 439 17.64 8.99 5.91
CA ILE A 439 18.77 9.35 6.78
C ILE A 439 20.06 8.84 6.15
N GLY A 440 20.08 7.55 5.81
CA GLY A 440 21.24 6.93 5.21
C GLY A 440 21.73 7.71 4.02
N VAL A 441 20.91 7.82 2.98
CA VAL A 441 21.33 8.52 1.78
C VAL A 441 21.80 9.93 2.13
N SER A 442 20.87 10.76 2.63
CA SER A 442 21.12 12.20 2.68
C SER A 442 22.25 12.57 3.63
N TRP A 443 22.47 11.80 4.70
CA TRP A 443 23.46 12.18 5.68
C TRP A 443 24.78 11.42 5.55
N PHE A 444 24.78 10.17 5.11
CA PHE A 444 26.02 9.42 5.01
C PHE A 444 26.61 9.42 3.61
N TYR A 445 25.79 9.29 2.56
CA TYR A 445 26.35 9.38 1.22
C TYR A 445 26.67 10.82 0.85
N GLY A 446 25.83 11.76 1.29
CA GLY A 446 26.04 13.17 1.02
C GLY A 446 25.05 13.68 -0.01
N VAL A 447 24.24 14.66 0.40
CA VAL A 447 23.29 15.25 -0.53
C VAL A 447 24.03 16.02 -1.62
N ASP A 448 25.24 16.50 -1.33
CA ASP A 448 26.05 17.13 -2.37
C ASP A 448 26.38 16.15 -3.49
N ARG A 449 26.85 14.96 -3.13
CA ARG A 449 27.12 13.94 -4.14
C ARG A 449 25.84 13.49 -4.83
N PHE A 450 24.75 13.36 -4.05
CA PHE A 450 23.49 12.94 -4.66
C PHE A 450 23.00 13.94 -5.69
N SER A 451 23.21 15.24 -5.45
CA SER A 451 22.84 16.27 -6.39
C SER A 451 23.86 16.45 -7.52
N ASN A 452 25.11 16.02 -7.32
CA ASN A 452 26.12 16.10 -8.35
C ASN A 452 26.06 14.95 -9.34
N ASP A 453 25.57 13.78 -8.92
CA ASP A 453 25.34 12.67 -9.85
C ASP A 453 23.97 12.70 -10.53
N ILE A 454 23.07 13.61 -10.15
CA ILE A 454 21.88 13.86 -10.95
C ILE A 454 22.15 14.88 -12.05
N GLN A 455 22.98 15.88 -11.78
CA GLN A 455 23.46 16.79 -12.81
C GLN A 455 24.30 16.08 -13.86
N GLN A 456 24.92 14.96 -13.51
CA GLN A 456 25.73 14.19 -14.44
C GLN A 456 24.89 13.32 -15.38
N MET A 457 23.62 13.09 -15.07
CA MET A 457 22.78 12.22 -15.89
C MET A 457 21.53 12.89 -16.42
N MET A 458 21.18 14.09 -15.96
CA MET A 458 20.10 14.84 -16.57
C MET A 458 20.59 16.15 -17.17
N GLY A 459 21.29 16.95 -16.38
CA GLY A 459 21.83 18.21 -16.87
C GLY A 459 21.56 19.39 -15.95
N PHE A 460 20.59 19.24 -15.05
CA PHE A 460 20.23 20.29 -14.10
C PHE A 460 20.46 19.82 -12.68
N ARG A 461 20.80 20.75 -11.79
CA ARG A 461 20.97 20.45 -10.38
C ARG A 461 19.62 20.57 -9.68
N PRO A 462 19.24 19.60 -8.84
CA PRO A 462 17.87 19.53 -8.30
C PRO A 462 17.27 20.86 -7.85
N GLY A 463 17.95 21.58 -6.97
CA GLY A 463 17.47 22.85 -6.48
C GLY A 463 17.44 22.89 -4.96
N LEU A 464 17.37 24.12 -4.41
CA LEU A 464 17.40 24.30 -2.97
C LEU A 464 16.22 23.64 -2.26
N TYR A 465 15.02 23.74 -2.83
CA TYR A 465 13.83 23.22 -2.17
C TYR A 465 13.93 21.71 -1.97
N TRP A 466 14.35 20.98 -3.00
CA TRP A 466 14.40 19.52 -2.91
C TRP A 466 15.46 19.07 -1.90
N ARG A 467 16.64 19.69 -1.96
CA ARG A 467 17.72 19.32 -1.05
C ARG A 467 17.36 19.60 0.40
N LEU A 468 16.82 20.80 0.65
CA LEU A 468 16.40 21.14 2.01
C LEU A 468 15.30 20.21 2.49
N CYS A 469 14.30 19.97 1.63
CA CYS A 469 13.21 19.06 1.94
C CYS A 469 13.76 17.72 2.37
N TRP A 470 14.53 17.06 1.51
CA TRP A 470 15.12 15.78 1.89
C TRP A 470 15.80 15.90 3.24
N LYS A 471 16.91 16.64 3.27
CA LYS A 471 17.83 16.60 4.40
C LYS A 471 17.18 16.90 5.74
N PHE A 472 16.38 17.96 5.82
CA PHE A 472 15.88 18.37 7.13
C PHE A 472 14.42 18.02 7.30
N VAL A 473 13.60 18.22 6.26
CA VAL A 473 12.16 18.09 6.46
C VAL A 473 11.72 16.62 6.40
N SER A 474 12.43 15.73 5.67
CA SER A 474 11.82 14.40 5.64
C SER A 474 12.13 13.63 6.93
N PRO A 475 13.39 13.57 7.38
CA PRO A 475 13.65 12.89 8.66
C PRO A 475 12.87 13.44 9.83
N ALA A 476 12.70 14.77 9.92
CA ALA A 476 12.03 15.35 11.08
C ALA A 476 10.58 14.87 11.17
N PHE A 477 9.83 15.01 10.08
CA PHE A 477 8.43 14.61 10.11
C PHE A 477 8.28 13.10 10.23
N LEU A 478 9.14 12.33 9.56
CA LEU A 478 9.05 10.87 9.68
C LEU A 478 9.33 10.42 11.12
N LEU A 479 10.35 11.00 11.76
CA LEU A 479 10.65 10.66 13.14
C LEU A 479 9.52 11.05 14.07
N PHE A 480 8.92 12.23 13.83
CA PHE A 480 7.78 12.66 14.64
C PHE A 480 6.63 11.67 14.54
N VAL A 481 6.33 11.22 13.31
CA VAL A 481 5.23 10.28 13.12
C VAL A 481 5.53 8.94 13.79
N VAL A 482 6.77 8.46 13.66
CA VAL A 482 7.12 7.18 14.27
C VAL A 482 7.01 7.27 15.79
N VAL A 483 7.55 8.32 16.39
CA VAL A 483 7.53 8.47 17.84
C VAL A 483 6.08 8.58 18.33
N VAL A 484 5.27 9.37 17.64
CA VAL A 484 3.88 9.54 18.06
C VAL A 484 3.11 8.23 17.93
N SER A 485 3.37 7.47 16.85
CA SER A 485 2.69 6.19 16.67
C SER A 485 3.04 5.21 17.78
N ILE A 486 4.31 5.15 18.17
CA ILE A 486 4.70 4.26 19.27
C ILE A 486 4.09 4.73 20.59
N ILE A 487 4.09 6.04 20.84
CA ILE A 487 3.63 6.56 22.12
C ILE A 487 2.11 6.48 22.28
N ASN A 488 1.36 6.66 21.20
CA ASN A 488 -0.10 6.77 21.30
C ASN A 488 -0.80 5.59 20.66
N PHE A 489 -0.31 4.37 20.91
CA PHE A 489 -0.91 3.17 20.35
C PHE A 489 -2.32 2.97 20.88
N LYS A 490 -3.18 2.41 20.02
CA LYS A 490 -4.56 2.13 20.35
C LYS A 490 -4.84 0.64 20.17
N PRO A 491 -5.50 -0.02 21.13
CA PRO A 491 -5.79 -1.45 20.98
C PRO A 491 -6.67 -1.72 19.77
N LEU A 492 -6.46 -2.88 19.16
CA LEU A 492 -7.14 -3.23 17.93
C LEU A 492 -8.59 -3.61 18.19
N THR A 493 -9.49 -3.10 17.34
CA THR A 493 -10.91 -3.41 17.41
C THR A 493 -11.47 -3.51 16.00
N TYR A 494 -12.56 -4.25 15.85
CA TYR A 494 -13.24 -4.39 14.56
C TYR A 494 -14.75 -4.23 14.76
N ASP A 495 -15.23 -3.00 14.67
CA ASP A 495 -16.65 -2.66 14.56
C ASP A 495 -17.47 -3.31 15.69
N ASP A 496 -17.07 -2.95 16.92
CA ASP A 496 -17.57 -3.28 18.26
C ASP A 496 -16.94 -4.54 18.82
N TYR A 497 -16.09 -5.23 18.05
CA TYR A 497 -15.40 -6.41 18.51
C TYR A 497 -14.00 -6.00 18.99
N ILE A 498 -13.64 -6.44 20.20
CA ILE A 498 -12.38 -6.07 20.81
C ILE A 498 -11.49 -7.30 20.84
N PHE A 499 -10.30 -7.18 20.25
CA PHE A 499 -9.37 -8.29 20.20
C PHE A 499 -8.85 -8.63 21.60
N PRO A 500 -8.51 -9.90 21.85
CA PRO A 500 -7.88 -10.25 23.12
C PRO A 500 -6.51 -9.61 23.25
N PRO A 501 -6.02 -9.40 24.46
CA PRO A 501 -4.80 -8.60 24.64
C PRO A 501 -3.52 -9.27 24.14
N TRP A 502 -3.59 -10.48 23.60
CA TRP A 502 -2.42 -11.10 22.99
C TRP A 502 -2.36 -10.90 21.48
N ALA A 503 -3.49 -10.55 20.85
CA ALA A 503 -3.45 -10.19 19.44
C ALA A 503 -2.59 -8.96 19.20
N ASN A 504 -2.60 -8.02 20.14
CA ASN A 504 -1.74 -6.85 20.03
C ASN A 504 -0.26 -7.23 20.14
N TRP A 505 0.06 -8.19 21.03
CA TRP A 505 1.43 -8.67 21.13
C TRP A 505 1.87 -9.34 19.83
N VAL A 506 0.99 -10.16 19.24
CA VAL A 506 1.32 -10.79 17.97
C VAL A 506 1.50 -9.75 16.87
N GLY A 507 0.67 -8.72 16.88
CA GLY A 507 0.81 -7.66 15.89
C GLY A 507 2.12 -6.90 16.01
N TRP A 508 2.51 -6.59 17.25
CA TRP A 508 3.78 -5.90 17.44
C TRP A 508 4.96 -6.81 17.11
N GLY A 509 4.85 -8.11 17.37
CA GLY A 509 5.85 -9.05 16.90
C GLY A 509 5.98 -9.11 15.40
N ILE A 510 4.86 -9.03 14.68
CA ILE A 510 4.93 -8.93 13.23
C ILE A 510 5.57 -7.60 12.79
N ALA A 511 5.23 -6.51 13.47
CA ALA A 511 5.75 -5.20 13.09
C ALA A 511 7.26 -5.11 13.30
N LEU A 512 7.77 -5.70 14.40
CA LEU A 512 9.18 -5.64 14.73
C LEU A 512 10.01 -6.71 14.02
N SER A 513 9.38 -7.55 13.19
CA SER A 513 10.11 -8.57 12.46
C SER A 513 10.93 -7.99 11.32
N SER A 514 10.56 -6.82 10.80
CA SER A 514 11.32 -6.16 9.75
C SER A 514 12.12 -4.97 10.27
N MET A 515 11.64 -4.30 11.32
CA MET A 515 12.38 -3.21 11.93
C MET A 515 13.67 -3.66 12.59
N VAL A 516 13.79 -4.95 12.93
CA VAL A 516 14.99 -5.45 13.61
C VAL A 516 16.08 -5.88 12.65
N LEU A 517 15.78 -5.99 11.35
CA LEU A 517 16.77 -6.40 10.36
C LEU A 517 17.83 -5.34 10.10
N VAL A 518 17.60 -4.10 10.51
CA VAL A 518 18.55 -3.03 10.24
C VAL A 518 19.72 -3.08 11.23
N PRO A 519 19.50 -3.16 12.55
CA PRO A 519 20.65 -3.32 13.46
C PRO A 519 21.38 -4.65 13.31
N ILE A 520 20.67 -5.73 12.98
CA ILE A 520 21.31 -7.03 12.87
C ILE A 520 22.33 -7.05 11.74
N TYR A 521 21.99 -6.50 10.58
CA TYR A 521 22.95 -6.47 9.48
C TYR A 521 24.14 -5.58 9.80
N VAL A 522 23.92 -4.46 10.49
CA VAL A 522 25.05 -3.62 10.90
C VAL A 522 25.98 -4.38 11.82
N ILE A 523 25.43 -5.09 12.81
CA ILE A 523 26.27 -5.86 13.71
C ILE A 523 27.03 -6.96 12.97
N TYR A 524 26.35 -7.69 12.08
CA TYR A 524 27.02 -8.76 11.34
C TYR A 524 28.12 -8.22 10.43
N LYS A 525 27.85 -7.09 9.75
CA LYS A 525 28.86 -6.51 8.88
C LYS A 525 30.05 -5.99 9.67
N PHE A 526 29.80 -5.39 10.82
CA PHE A 526 30.90 -4.92 11.66
C PHE A 526 31.74 -6.08 12.16
N LEU A 527 31.11 -7.19 12.54
CA LEU A 527 31.86 -8.33 13.06
C LEU A 527 32.59 -9.10 11.96
N SER A 528 32.06 -9.11 10.73
CA SER A 528 32.61 -9.98 9.70
C SER A 528 33.92 -9.46 9.10
N THR A 529 34.26 -8.19 9.30
CA THR A 529 35.50 -7.65 8.77
C THR A 529 36.60 -7.73 9.81
N GLN A 530 37.82 -7.36 9.40
CA GLN A 530 38.99 -7.45 10.24
C GLN A 530 39.67 -6.10 10.35
N GLY A 531 40.09 -5.75 11.57
CA GLY A 531 40.79 -4.51 11.83
C GLY A 531 40.47 -4.01 13.21
N SER A 532 40.86 -2.75 13.46
CA SER A 532 40.56 -2.08 14.72
C SER A 532 39.22 -1.35 14.61
N LEU A 533 38.94 -0.44 15.53
CA LEU A 533 37.79 0.45 15.37
C LEU A 533 37.87 1.18 14.04
N TRP A 534 39.04 1.75 13.74
CA TRP A 534 39.35 2.17 12.38
C TRP A 534 39.55 0.94 11.50
N GLU A 535 39.25 1.10 10.22
CA GLU A 535 39.23 0.03 9.21
C GLU A 535 38.04 -0.90 9.38
N ARG A 536 37.19 -0.68 10.38
CA ARG A 536 35.89 -1.32 10.48
C ARG A 536 34.76 -0.30 10.42
N LEU A 537 34.89 0.80 11.17
CA LEU A 537 33.94 1.89 11.05
C LEU A 537 34.01 2.59 9.69
N ALA A 538 35.11 2.42 8.97
CA ALA A 538 35.32 3.11 7.69
C ALA A 538 35.20 2.21 6.48
N TYR A 539 35.39 0.90 6.62
CA TYR A 539 35.20 -0.04 5.52
C TYR A 539 33.74 -0.29 5.18
N GLY A 540 32.81 0.19 6.02
CA GLY A 540 31.41 -0.01 5.76
C GLY A 540 30.61 1.28 5.74
N ILE A 541 31.25 2.38 5.39
CA ILE A 541 30.57 3.66 5.29
C ILE A 541 30.93 4.33 3.97
N THR A 542 31.96 3.81 3.30
CA THR A 542 32.40 4.36 2.03
C THR A 542 31.89 3.50 0.88
N PRO A 543 31.67 4.08 -0.31
CA PRO A 543 31.17 3.29 -1.43
C PRO A 543 32.06 2.10 -1.78
N GLU A 544 31.45 1.02 -2.29
CA GLU A 544 32.18 -0.20 -2.57
C GLU A 544 33.29 0.03 -3.59
N ASN A 545 33.01 0.82 -4.62
CA ASN A 545 34.01 1.18 -5.62
C ASN A 545 35.15 1.97 -4.97
N GLU A 546 34.81 2.90 -4.08
CA GLU A 546 35.82 3.69 -3.39
C GLU A 546 36.42 2.92 -2.23
N HIS A 547 37.30 1.97 -2.54
CA HIS A 547 37.96 1.16 -1.52
C HIS A 547 39.44 1.47 -1.36
N HIS A 548 40.15 1.75 -2.46
CA HIS A 548 41.59 1.99 -2.40
C HIS A 548 41.88 3.46 -2.08
N LEU A 549 41.18 3.97 -1.08
CA LEU A 549 41.45 5.29 -0.53
C LEU A 549 41.36 5.25 0.99
N VAL A 550 41.00 4.08 1.53
CA VAL A 550 40.96 3.92 2.98
C VAL A 550 42.37 3.91 3.56
N ALA A 551 43.28 3.19 2.90
CA ALA A 551 44.68 3.18 3.33
C ALA A 551 45.28 4.57 3.24
N GLN A 552 44.94 5.30 2.19
CA GLN A 552 45.38 6.69 2.06
C GLN A 552 44.71 7.60 3.09
N ARG A 553 43.68 7.11 3.77
CA ARG A 553 42.91 7.86 4.76
C ARG A 553 42.23 9.09 4.15
N ASP A 554 41.96 9.07 2.85
CA ASP A 554 41.23 10.15 2.19
C ASP A 554 39.73 9.91 2.31
N ILE A 555 39.23 9.81 3.54
CA ILE A 555 37.83 9.48 3.78
C ILE A 555 37.10 10.76 4.14
N ARG A 556 36.04 11.07 3.40
CA ARG A 556 35.38 12.36 3.52
C ARG A 556 34.51 12.45 4.77
N GLN A 557 33.85 11.35 5.14
CA GLN A 557 32.89 11.36 6.19
C GLN A 557 33.36 11.69 7.56
N PHE A 558 34.62 11.94 7.72
CA PHE A 558 35.18 12.10 9.03
C PHE A 558 35.47 13.56 9.26
N GLN A 559 35.48 14.37 8.21
CA GLN A 559 35.67 15.80 8.34
C GLN A 559 34.32 16.45 8.56
N LEU A 560 34.27 17.68 9.10
CA LEU A 560 33.00 18.37 9.40
C LEU A 560 32.35 18.96 8.19
N GLN A 561 33.11 19.17 7.14
CA GLN A 561 32.60 19.77 5.93
C GLN A 561 31.86 18.83 5.02
N HIS A 562 31.63 17.62 5.45
CA HIS A 562 30.83 16.70 4.73
C HIS A 562 29.55 16.90 5.44
N TRP A 563 29.61 17.01 6.76
CA TRP A 563 28.40 17.10 7.56
C TRP A 563 27.73 18.42 7.65
N LEU A 564 27.98 19.31 6.73
CA LEU A 564 27.31 20.59 6.69
C LEU A 564 26.91 20.75 5.28
N ALA A 565 26.21 19.76 4.71
CA ALA A 565 25.71 19.95 3.35
C ALA A 565 24.41 20.73 3.35
N ILE A 566 24.23 21.55 2.32
CA ILE A 566 23.03 22.36 2.18
C ILE A 566 21.92 21.53 1.54
#